data_5IK0
#
_entry.id   5IK0
#
_cell.length_a   127.660
_cell.length_b   127.660
_cell.length_c   124.670
_cell.angle_alpha   90.00
_cell.angle_beta   90.00
_cell.angle_gamma   90.00
#
_symmetry.space_group_name_H-M   'P 41 21 2'
#
loop_
_entity.id
_entity.type
_entity.pdbx_description
1 polymer '5-epi-aristolochene synthase'
2 non-polymer 'MAGNESIUM ION'
3 non-polymer 'FARNESYL DIPHOSPHATE'
4 water water
#
_entity_poly.entity_id   1
_entity_poly.type   'polypeptide(L)'
_entity_poly.pdbx_seq_one_letter_code
;GSMASAAVANYEEEIVRPVADFSPSLWGDQFLSFSIKNQVAEKYAKEIEALKEQTRNMLLATGMKLADTLNLIDTIERLG
ISYHFEKEIDDILDQIYNQNSNCNDLCTSALQFRLLRQHGFNISPEIFSKFQDENGKFKESLASDVLGLLNLYEASHVRT
HADDILEDALAFSTIHLESAAPHLKSPLREQVTHALEQCLHKGVPRVETRFFISSIYDKEQSKNNVLLRFAKLDFNLLQM
LHKQELAQVSRWWKDLDFVTTLPYARDRVVECYFWALGVYFEPQYSQARVMLVKTISMISIVDDTFDAYGTVKELEAYTD
AIQRWDINEIDRLPDYMKISYKAILDLYKDYEKELSSAGRSHIVCHAIERMKEVVRNYNVESTWFIEGYTPPVSEYLSNA
LATTTYYYLATTSYLGMKSATEQDFEWLSKNPKILEASVIICRVIDDTATYEVEKSRGQIATGIECCMRDYGISTKEAMA
KFQNMAETAWKDINEGLLRPTPVSTEFLTPILNLARIVEVTYIHNLDGYTHPEKVLKPHIINLLVDSIKI
;
_entity_poly.pdbx_strand_id   A
#
# COMPACT_ATOMS: atom_id res chain seq x y z
N ILE A 15 -21.24 35.36 9.11
CA ILE A 15 -19.87 35.16 9.56
C ILE A 15 -19.31 33.81 9.00
N VAL A 16 -17.98 33.67 8.94
CA VAL A 16 -17.29 32.51 8.32
C VAL A 16 -17.74 32.34 6.83
N ARG A 17 -17.12 31.51 5.95
CA ARG A 17 -16.10 30.47 6.17
C ARG A 17 -14.98 30.54 5.08
N PRO A 18 -13.92 29.66 5.15
CA PRO A 18 -12.81 29.71 4.18
C PRO A 18 -13.16 29.67 2.69
N VAL A 19 -12.17 29.96 1.84
CA VAL A 19 -12.35 29.95 0.38
C VAL A 19 -11.77 28.65 -0.21
N ALA A 20 -12.40 28.17 -1.29
CA ALA A 20 -12.09 26.84 -1.83
C ALA A 20 -10.86 26.82 -2.73
N ASP A 21 -9.94 25.88 -2.48
CA ASP A 21 -8.69 25.81 -3.20
C ASP A 21 -8.42 24.44 -3.82
N PHE A 22 -9.22 23.43 -3.45
CA PHE A 22 -9.05 22.06 -3.97
C PHE A 22 -9.57 21.90 -5.41
N SER A 23 -8.85 21.11 -6.20
CA SER A 23 -9.21 20.87 -7.60
C SER A 23 -10.28 19.78 -7.74
N PRO A 24 -11.10 19.82 -8.83
CA PRO A 24 -12.17 18.84 -9.00
C PRO A 24 -11.72 17.51 -9.67
N SER A 25 -12.56 16.49 -9.57
CA SER A 25 -12.26 15.17 -10.12
C SER A 25 -11.91 15.28 -11.59
N LEU A 26 -10.67 14.93 -11.90
CA LEU A 26 -10.15 15.08 -13.25
C LEU A 26 -10.75 14.03 -14.21
N TRP A 27 -11.53 13.11 -13.65
CA TRP A 27 -12.08 11.98 -14.40
C TRP A 27 -13.48 12.22 -14.97
N GLY A 28 -14.23 13.14 -14.37
CA GLY A 28 -15.63 13.32 -14.72
C GLY A 28 -16.38 12.02 -14.52
N ASP A 29 -17.14 11.62 -15.54
CA ASP A 29 -18.02 10.46 -15.44
C ASP A 29 -17.57 9.26 -16.29
N GLN A 30 -16.27 9.19 -16.63
CA GLN A 30 -15.82 8.17 -17.57
C GLN A 30 -15.79 6.77 -16.94
N PHE A 31 -16.00 6.69 -15.63
CA PHE A 31 -15.99 5.38 -14.97
C PHE A 31 -17.37 4.94 -14.52
N LEU A 32 -18.37 5.81 -14.65
CA LEU A 32 -19.69 5.56 -14.08
C LEU A 32 -20.46 4.41 -14.74
N SER A 33 -20.18 4.13 -16.00
CA SER A 33 -20.89 3.09 -16.73
C SER A 33 -19.95 2.08 -17.34
N PHE A 34 -19.88 0.86 -16.79
CA PHE A 34 -19.12 -0.19 -17.44
C PHE A 34 -19.92 -1.49 -17.61
N SER A 35 -20.10 -1.88 -18.87
CA SER A 35 -20.79 -3.12 -19.23
C SER A 35 -19.85 -4.21 -19.73
N ILE A 36 -19.66 -5.26 -18.94
CA ILE A 36 -18.76 -6.36 -19.29
C ILE A 36 -19.15 -7.05 -20.61
N LYS A 37 -18.20 -7.18 -21.51
CA LYS A 37 -18.38 -8.00 -22.72
C LYS A 37 -18.35 -9.46 -22.30
N ASN A 38 -19.53 -10.01 -22.02
CA ASN A 38 -19.63 -11.31 -21.37
C ASN A 38 -19.06 -12.46 -22.19
N GLN A 39 -19.07 -12.35 -23.52
CA GLN A 39 -18.51 -13.41 -24.34
C GLN A 39 -16.99 -13.38 -24.29
N VAL A 40 -16.41 -12.19 -24.14
CA VAL A 40 -14.96 -12.03 -24.05
C VAL A 40 -14.47 -12.54 -22.71
N ALA A 41 -15.18 -12.17 -21.64
CA ALA A 41 -14.79 -12.58 -20.30
C ALA A 41 -14.74 -14.09 -20.23
N GLU A 42 -15.67 -14.74 -20.91
CA GLU A 42 -15.73 -16.20 -20.90
C GLU A 42 -14.67 -16.84 -21.79
N LYS A 43 -14.25 -16.13 -22.84
CA LYS A 43 -13.17 -16.61 -23.71
C LYS A 43 -11.82 -16.54 -22.96
N TYR A 44 -11.57 -15.45 -22.23
CA TYR A 44 -10.33 -15.30 -21.48
C TYR A 44 -10.23 -16.36 -20.38
N ALA A 45 -11.32 -16.60 -19.68
CA ALA A 45 -11.35 -17.58 -18.60
C ALA A 45 -11.14 -19.00 -19.11
N LYS A 46 -11.67 -19.29 -20.30
CA LYS A 46 -11.48 -20.59 -20.94
C LYS A 46 -10.00 -20.89 -21.16
N GLU A 47 -9.27 -19.93 -21.71
CA GLU A 47 -7.86 -20.19 -22.04
C GLU A 47 -7.01 -20.18 -20.80
N ILE A 48 -7.38 -19.33 -19.84
CA ILE A 48 -6.63 -19.20 -18.60
C ILE A 48 -6.64 -20.50 -17.82
N GLU A 49 -7.76 -21.20 -17.81
CA GLU A 49 -7.81 -22.51 -17.15
C GLU A 49 -6.73 -23.43 -17.73
N ALA A 50 -6.65 -23.48 -19.05
CA ALA A 50 -5.66 -24.31 -19.73
C ALA A 50 -4.24 -23.87 -19.41
N LEU A 51 -4.00 -22.57 -19.54
CA LEU A 51 -2.67 -22.00 -19.31
C LEU A 51 -2.26 -22.16 -17.84
N LYS A 52 -3.23 -22.14 -16.94
CA LYS A 52 -2.97 -22.23 -15.51
C LYS A 52 -2.39 -23.59 -15.16
N GLU A 53 -2.86 -24.63 -15.84
CA GLU A 53 -2.42 -25.97 -15.52
C GLU A 53 -1.08 -26.31 -16.14
N GLN A 54 -0.83 -25.78 -17.34
CA GLN A 54 0.50 -25.91 -17.92
C GLN A 54 1.53 -25.29 -16.99
N THR A 55 1.14 -24.19 -16.34
CA THR A 55 2.07 -23.47 -15.45
C THR A 55 2.23 -24.22 -14.13
N ARG A 56 1.18 -24.92 -13.70
CA ARG A 56 1.29 -25.75 -12.50
C ARG A 56 2.35 -26.83 -12.71
N ASN A 57 2.33 -27.45 -13.89
CA ASN A 57 3.24 -28.56 -14.19
C ASN A 57 4.69 -28.10 -14.44
N MET A 58 4.87 -26.85 -14.85
CA MET A 58 6.21 -26.25 -14.84
C MET A 58 6.78 -26.22 -13.41
N LEU A 59 5.99 -25.70 -12.47
CA LEU A 59 6.40 -25.61 -11.06
C LEU A 59 6.68 -26.97 -10.40
N LEU A 60 5.91 -28.00 -10.77
CA LEU A 60 6.03 -29.33 -10.15
C LEU A 60 6.97 -30.25 -10.92
N ALA A 61 7.77 -29.67 -11.81
CA ALA A 61 8.76 -30.44 -12.55
C ALA A 61 9.84 -30.92 -11.60
N THR A 62 10.15 -32.21 -11.67
CA THR A 62 11.17 -32.78 -10.82
C THR A 62 12.56 -32.54 -11.42
N GLY A 63 13.55 -32.38 -10.55
CA GLY A 63 14.93 -32.27 -10.98
C GLY A 63 15.34 -31.01 -11.71
N MET A 64 14.84 -29.84 -11.27
CA MET A 64 15.35 -28.56 -11.76
C MET A 64 16.50 -28.07 -10.87
N LYS A 65 17.39 -27.25 -11.44
CA LYS A 65 18.46 -26.61 -10.67
C LYS A 65 17.88 -25.57 -9.72
N LEU A 66 18.65 -25.23 -8.69
CA LEU A 66 18.23 -24.22 -7.73
C LEU A 66 17.97 -22.89 -8.44
N ALA A 67 18.93 -22.49 -9.28
CA ALA A 67 18.83 -21.21 -9.97
C ALA A 67 17.62 -21.15 -10.89
N ASP A 68 17.31 -22.25 -11.57
CA ASP A 68 16.18 -22.29 -12.51
C ASP A 68 14.83 -22.24 -11.77
N THR A 69 14.77 -22.88 -10.61
CA THR A 69 13.55 -22.88 -9.83
C THR A 69 13.22 -21.49 -9.30
N LEU A 70 14.25 -20.80 -8.83
CA LEU A 70 14.08 -19.48 -8.27
C LEU A 70 13.70 -18.45 -9.33
N ASN A 71 14.23 -18.59 -10.54
CA ASN A 71 13.86 -17.65 -11.60
C ASN A 71 12.44 -17.89 -12.09
N LEU A 72 12.05 -19.16 -12.11
CA LEU A 72 10.68 -19.51 -12.44
C LEU A 72 9.74 -18.82 -11.46
N ILE A 73 9.95 -19.06 -10.16
CA ILE A 73 9.10 -18.50 -9.12
C ILE A 73 9.11 -16.97 -9.10
N ASP A 74 10.28 -16.37 -9.28
CA ASP A 74 10.40 -14.93 -9.41
C ASP A 74 9.55 -14.38 -10.56
N THR A 75 9.58 -15.08 -11.69
CA THR A 75 8.92 -14.62 -12.91
C THR A 75 7.40 -14.71 -12.75
N ILE A 76 6.90 -15.85 -12.29
CA ILE A 76 5.47 -16.01 -12.00
C ILE A 76 4.96 -14.94 -11.03
N GLU A 77 5.78 -14.57 -10.04
CA GLU A 77 5.41 -13.50 -9.09
C GLU A 77 5.37 -12.10 -9.71
N ARG A 78 6.43 -11.70 -10.44
CA ARG A 78 6.41 -10.40 -11.11
C ARG A 78 5.38 -10.30 -12.24
N LEU A 79 5.02 -11.43 -12.83
CA LEU A 79 3.96 -11.47 -13.84
C LEU A 79 2.58 -11.29 -13.19
N GLY A 80 2.50 -11.42 -11.88
CA GLY A 80 1.28 -11.12 -11.16
C GLY A 80 0.28 -12.26 -11.13
N ILE A 81 0.73 -13.47 -11.50
CA ILE A 81 -0.15 -14.64 -11.51
C ILE A 81 0.18 -15.64 -10.41
N SER A 82 1.02 -15.25 -9.46
CA SER A 82 1.45 -16.17 -8.43
C SER A 82 0.35 -16.47 -7.42
N TYR A 83 -0.66 -15.59 -7.31
CA TYR A 83 -1.78 -15.83 -6.39
C TYR A 83 -2.54 -17.14 -6.74
N HIS A 84 -2.34 -17.65 -7.96
CA HIS A 84 -2.93 -18.92 -8.41
C HIS A 84 -2.24 -20.15 -7.80
N PHE A 85 -1.00 -19.99 -7.36
CA PHE A 85 -0.16 -21.12 -6.97
C PHE A 85 0.47 -20.97 -5.57
N GLU A 86 -0.31 -20.56 -4.58
CA GLU A 86 0.32 -20.22 -3.31
C GLU A 86 0.83 -21.48 -2.59
N LYS A 87 0.12 -22.59 -2.73
CA LYS A 87 0.58 -23.84 -2.12
C LYS A 87 1.85 -24.37 -2.79
N GLU A 88 1.83 -24.43 -4.12
CA GLU A 88 2.98 -24.91 -4.89
C GLU A 88 4.26 -24.15 -4.56
N ILE A 89 4.18 -22.82 -4.54
CA ILE A 89 5.34 -21.96 -4.36
C ILE A 89 5.84 -22.13 -2.95
N ASP A 90 4.92 -22.26 -2.02
CA ASP A 90 5.30 -22.37 -0.63
C ASP A 90 6.01 -23.69 -0.33
N ASP A 91 5.45 -24.79 -0.83
CA ASP A 91 6.05 -26.11 -0.67
C ASP A 91 7.48 -26.09 -1.16
N ILE A 92 7.69 -25.41 -2.27
CA ILE A 92 9.00 -25.41 -2.90
C ILE A 92 10.00 -24.59 -2.10
N LEU A 93 9.58 -23.43 -1.61
CA LEU A 93 10.49 -22.57 -0.85
C LEU A 93 10.80 -23.19 0.51
N ASP A 94 9.83 -23.88 1.09
CA ASP A 94 10.01 -24.59 2.36
C ASP A 94 11.09 -25.65 2.22
N GLN A 95 11.09 -26.34 1.09
CA GLN A 95 12.09 -27.35 0.87
C GLN A 95 13.47 -26.70 0.62
N ILE A 96 13.51 -25.63 -0.17
CA ILE A 96 14.74 -24.87 -0.37
C ILE A 96 15.31 -24.32 0.94
N TYR A 97 14.42 -23.81 1.81
CA TYR A 97 14.83 -23.26 3.11
C TYR A 97 15.47 -24.29 4.01
N ASN A 98 14.90 -25.50 3.99
CA ASN A 98 15.33 -26.57 4.87
C ASN A 98 16.49 -27.40 4.34
N GLN A 99 17.04 -27.07 3.17
CA GLN A 99 18.11 -27.87 2.62
C GLN A 99 19.47 -27.20 2.74
N ASN A 100 19.48 -25.89 2.97
CA ASN A 100 20.72 -25.12 3.13
C ASN A 100 21.72 -25.43 2.02
N SER A 101 21.56 -24.72 0.91
CA SER A 101 22.19 -25.12 -0.35
C SER A 101 23.42 -24.32 -0.71
N ASN A 102 23.48 -23.08 -0.22
CA ASN A 102 24.38 -22.05 -0.76
C ASN A 102 25.83 -22.46 -1.01
N CYS A 103 26.16 -22.59 -2.29
CA CYS A 103 27.54 -22.65 -2.77
C CYS A 103 27.59 -21.80 -4.03
N ASN A 104 26.65 -20.86 -4.10
CA ASN A 104 26.30 -20.17 -5.33
C ASN A 104 26.95 -18.81 -5.61
N ASP A 105 26.47 -18.18 -6.67
CA ASP A 105 26.91 -16.86 -7.09
C ASP A 105 26.03 -15.79 -6.47
N LEU A 106 26.42 -14.53 -6.65
CA LEU A 106 25.70 -13.42 -6.02
C LEU A 106 24.25 -13.31 -6.48
N CYS A 107 24.05 -13.52 -7.78
CA CYS A 107 22.73 -13.51 -8.42
C CYS A 107 21.77 -14.47 -7.73
N THR A 108 22.13 -15.74 -7.65
CA THR A 108 21.27 -16.78 -7.09
C THR A 108 21.12 -16.63 -5.58
N SER A 109 22.22 -16.32 -4.88
CA SER A 109 22.20 -16.12 -3.43
C SER A 109 21.25 -14.99 -2.99
N ALA A 110 21.39 -13.81 -3.61
CA ALA A 110 20.54 -12.67 -3.28
C ALA A 110 19.07 -12.92 -3.61
N LEU A 111 18.80 -13.57 -4.75
CA LEU A 111 17.42 -13.92 -5.09
C LEU A 111 16.86 -14.94 -4.08
N GLN A 112 17.66 -15.92 -3.70
CA GLN A 112 17.27 -16.89 -2.68
C GLN A 112 16.93 -16.22 -1.36
N PHE A 113 17.74 -15.25 -0.96
CA PHE A 113 17.53 -14.52 0.29
C PHE A 113 16.23 -13.74 0.20
N ARG A 114 16.01 -13.00 -0.89
CA ARG A 114 14.82 -12.16 -1.00
C ARG A 114 13.50 -12.94 -1.01
N LEU A 115 13.38 -13.94 -1.89
CA LEU A 115 12.17 -14.78 -1.97
C LEU A 115 11.81 -15.47 -0.64
N LEU A 116 12.79 -16.11 -0.01
CA LEU A 116 12.51 -16.76 1.27
C LEU A 116 12.06 -15.77 2.35
N ARG A 117 12.71 -14.61 2.44
CA ARG A 117 12.36 -13.64 3.48
C ARG A 117 10.96 -13.02 3.25
N GLN A 118 10.60 -12.82 1.98
CA GLN A 118 9.31 -12.24 1.62
C GLN A 118 8.16 -13.16 1.98
N HIS A 119 8.49 -14.45 2.05
CA HIS A 119 7.54 -15.51 2.41
C HIS A 119 7.69 -15.92 3.87
N GLY A 120 8.46 -15.15 4.62
CA GLY A 120 8.56 -15.32 6.06
C GLY A 120 9.60 -16.32 6.52
N PHE A 121 10.39 -16.87 5.61
CA PHE A 121 11.38 -17.86 6.00
C PHE A 121 12.64 -17.15 6.50
N ASN A 122 12.96 -17.31 7.79
CA ASN A 122 14.06 -16.55 8.38
C ASN A 122 15.43 -17.07 7.97
N ILE A 123 15.74 -17.01 6.67
CA ILE A 123 17.05 -17.47 6.20
C ILE A 123 18.16 -16.56 6.72
N SER A 124 19.29 -17.17 7.12
CA SER A 124 20.43 -16.44 7.69
C SER A 124 21.06 -15.47 6.71
N PRO A 125 21.43 -14.27 7.18
CA PRO A 125 22.10 -13.34 6.27
C PRO A 125 23.58 -13.68 6.09
N GLU A 126 24.03 -14.79 6.67
CA GLU A 126 25.42 -15.19 6.52
C GLU A 126 25.64 -15.79 5.14
N ILE A 127 24.57 -15.98 4.38
CA ILE A 127 24.71 -16.42 3.00
C ILE A 127 25.58 -15.43 2.22
N PHE A 128 25.60 -14.17 2.65
CA PHE A 128 26.36 -13.13 1.95
C PHE A 128 27.82 -12.98 2.40
N SER A 129 28.27 -13.75 3.39
CA SER A 129 29.61 -13.53 3.94
C SER A 129 30.72 -13.86 2.94
N LYS A 130 30.49 -14.87 2.11
CA LYS A 130 31.45 -15.24 1.07
C LYS A 130 31.65 -14.13 0.01
N PHE A 131 30.73 -13.18 -0.07
CA PHE A 131 30.85 -12.07 -1.02
C PHE A 131 31.47 -10.80 -0.41
N GLN A 132 32.00 -10.94 0.81
CA GLN A 132 32.56 -9.81 1.54
C GLN A 132 33.97 -10.08 2.00
N ASP A 133 34.72 -9.02 2.26
CA ASP A 133 36.05 -9.14 2.84
C ASP A 133 35.94 -9.17 4.36
N GLU A 134 37.07 -8.90 5.01
CA GLU A 134 37.13 -8.86 6.46
C GLU A 134 36.82 -7.44 6.92
N ASN A 135 35.54 -7.08 6.86
CA ASN A 135 35.08 -5.75 7.19
C ASN A 135 33.57 -5.70 7.02
N GLY A 136 33.01 -6.74 6.41
CA GLY A 136 31.59 -6.78 6.12
C GLY A 136 31.27 -5.77 5.05
N LYS A 137 32.27 -5.45 4.23
CA LYS A 137 32.06 -4.59 3.07
C LYS A 137 32.21 -5.43 1.79
N PHE A 138 31.30 -5.25 0.83
CA PHE A 138 31.24 -6.12 -0.36
C PHE A 138 32.46 -5.95 -1.25
N LYS A 139 33.02 -7.08 -1.70
CA LYS A 139 34.17 -7.07 -2.63
C LYS A 139 33.87 -6.25 -3.87
N GLU A 140 34.75 -5.33 -4.19
CA GLU A 140 34.54 -4.44 -5.32
C GLU A 140 34.73 -5.18 -6.67
N SER A 141 35.31 -6.37 -6.63
CA SER A 141 35.47 -7.20 -7.83
C SER A 141 34.13 -7.67 -8.41
N LEU A 142 33.06 -7.51 -7.65
CA LEU A 142 31.70 -7.86 -8.08
C LEU A 142 31.04 -6.73 -8.86
N ALA A 143 31.73 -5.61 -9.00
CA ALA A 143 31.17 -4.43 -9.65
C ALA A 143 30.83 -4.63 -11.14
N SER A 144 31.42 -5.64 -11.77
CA SER A 144 31.22 -5.91 -13.19
C SER A 144 30.10 -6.91 -13.48
N ASP A 145 29.40 -7.35 -12.44
CA ASP A 145 28.36 -8.39 -12.56
C ASP A 145 26.99 -7.78 -12.38
N VAL A 146 26.41 -7.30 -13.48
CA VAL A 146 25.17 -6.51 -13.38
C VAL A 146 23.96 -7.27 -12.81
N LEU A 147 23.76 -8.53 -13.20
CA LEU A 147 22.63 -9.28 -12.68
C LEU A 147 22.76 -9.57 -11.19
N GLY A 148 24.00 -9.71 -10.73
CA GLY A 148 24.26 -9.92 -9.33
C GLY A 148 23.93 -8.67 -8.55
N LEU A 149 24.44 -7.53 -8.99
CA LEU A 149 24.11 -6.25 -8.39
C LEU A 149 22.61 -5.95 -8.38
N LEU A 150 21.88 -6.29 -9.44
CA LEU A 150 20.44 -6.00 -9.49
C LEU A 150 19.68 -6.81 -8.42
N ASN A 151 20.02 -8.08 -8.25
CA ASN A 151 19.36 -8.93 -7.27
C ASN A 151 19.79 -8.60 -5.84
N LEU A 152 21.02 -8.12 -5.68
CA LEU A 152 21.48 -7.62 -4.40
C LEU A 152 20.73 -6.34 -4.05
N TYR A 153 20.52 -5.48 -5.04
CA TYR A 153 19.82 -4.22 -4.83
C TYR A 153 18.42 -4.47 -4.29
N GLU A 154 17.73 -5.45 -4.88
CA GLU A 154 16.35 -5.74 -4.48
C GLU A 154 16.29 -6.38 -3.09
N ALA A 155 17.27 -7.23 -2.80
CA ALA A 155 17.37 -7.89 -1.50
C ALA A 155 17.61 -6.92 -0.34
N SER A 156 18.38 -5.86 -0.60
CA SER A 156 18.76 -4.92 0.47
C SER A 156 17.54 -4.23 1.09
N HIS A 157 16.42 -4.24 0.37
CA HIS A 157 15.20 -3.57 0.86
C HIS A 157 14.38 -4.46 1.81
N VAL A 158 14.77 -5.73 1.94
CA VAL A 158 14.05 -6.66 2.80
C VAL A 158 14.78 -6.94 4.13
N ARG A 159 15.63 -6.02 4.60
CA ARG A 159 16.44 -6.43 5.74
C ARG A 159 15.75 -6.01 7.02
N THR A 160 16.17 -6.62 8.13
CA THR A 160 15.64 -6.36 9.46
C THR A 160 16.73 -5.83 10.38
N HIS A 161 16.46 -5.79 11.69
CA HIS A 161 17.46 -5.32 12.62
C HIS A 161 18.56 -6.35 12.83
N ALA A 162 18.25 -7.62 12.59
CA ALA A 162 19.26 -8.66 12.75
C ALA A 162 20.21 -8.77 11.56
N ASP A 163 20.05 -7.90 10.55
CA ASP A 163 20.78 -8.07 9.29
C ASP A 163 21.76 -6.96 8.97
N ASP A 164 22.53 -6.54 9.96
CA ASP A 164 23.46 -5.43 9.78
C ASP A 164 24.64 -5.75 8.85
N ILE A 165 24.84 -7.03 8.56
CA ILE A 165 25.84 -7.43 7.58
C ILE A 165 25.53 -6.86 6.17
N LEU A 166 24.27 -6.49 5.98
CA LEU A 166 23.77 -5.97 4.71
C LEU A 166 23.71 -4.43 4.65
N GLU A 167 24.26 -3.77 5.67
CA GLU A 167 24.30 -2.30 5.76
C GLU A 167 24.89 -1.59 4.54
N ASP A 168 25.78 -2.27 3.83
CA ASP A 168 26.53 -1.66 2.76
C ASP A 168 25.88 -1.96 1.39
N ALA A 169 24.94 -2.90 1.37
CA ALA A 169 24.45 -3.46 0.10
C ALA A 169 23.67 -2.47 -0.77
N LEU A 170 22.96 -1.52 -0.15
CA LEU A 170 22.18 -0.56 -0.96
C LEU A 170 23.11 0.45 -1.62
N ALA A 171 24.05 0.99 -0.85
CA ALA A 171 25.01 1.96 -1.37
C ALA A 171 25.89 1.32 -2.44
N PHE A 172 26.31 0.08 -2.20
CA PHE A 172 27.22 -0.63 -3.09
C PHE A 172 26.56 -0.92 -4.44
N SER A 173 25.40 -1.58 -4.43
CA SER A 173 24.75 -1.92 -5.68
C SER A 173 24.33 -0.66 -6.46
N THR A 174 23.84 0.35 -5.76
CA THR A 174 23.30 1.55 -6.40
C THR A 174 24.31 2.25 -7.30
N ILE A 175 25.49 2.55 -6.75
CA ILE A 175 26.52 3.29 -7.46
C ILE A 175 27.01 2.55 -8.70
N HIS A 176 27.06 1.22 -8.63
CA HIS A 176 27.60 0.45 -9.74
C HIS A 176 26.51 0.14 -10.77
N LEU A 177 25.24 0.08 -10.36
CA LEU A 177 24.14 -0.03 -11.32
C LEU A 177 23.97 1.29 -12.08
N GLU A 178 24.09 2.42 -11.39
CA GLU A 178 24.07 3.73 -12.07
C GLU A 178 25.19 3.83 -13.12
N SER A 179 26.35 3.29 -12.78
CA SER A 179 27.51 3.39 -13.64
C SER A 179 27.38 2.52 -14.89
N ALA A 180 26.68 1.39 -14.74
CA ALA A 180 26.61 0.41 -15.83
C ALA A 180 25.41 0.67 -16.73
N ALA A 181 24.36 1.27 -16.17
CA ALA A 181 23.05 1.31 -16.84
C ALA A 181 23.04 1.82 -18.30
N PRO A 182 23.71 2.94 -18.60
CA PRO A 182 23.59 3.45 -19.98
C PRO A 182 24.10 2.54 -21.10
N HIS A 183 24.92 1.54 -20.78
CA HIS A 183 25.49 0.70 -21.82
C HIS A 183 24.89 -0.68 -21.83
N LEU A 184 23.83 -0.89 -21.07
CA LEU A 184 23.18 -2.19 -21.03
C LEU A 184 22.21 -2.41 -22.20
N LYS A 185 22.05 -3.66 -22.62
CA LYS A 185 21.10 -4.00 -23.67
C LYS A 185 19.69 -3.86 -23.11
N SER A 186 18.71 -3.70 -24.00
CA SER A 186 17.30 -3.63 -23.62
C SER A 186 16.65 -5.01 -23.74
N PRO A 187 15.72 -5.34 -22.83
CA PRO A 187 15.10 -4.52 -21.80
C PRO A 187 15.79 -4.50 -20.44
N LEU A 188 16.97 -5.08 -20.31
CA LEU A 188 17.67 -5.07 -19.04
C LEU A 188 17.87 -3.64 -18.55
N ARG A 189 18.26 -2.75 -19.46
CA ARG A 189 18.58 -1.37 -19.09
C ARG A 189 17.37 -0.69 -18.49
N GLU A 190 16.20 -0.96 -19.06
CA GLU A 190 14.97 -0.35 -18.58
C GLU A 190 14.61 -0.93 -17.21
N GLN A 191 14.90 -2.21 -16.99
CA GLN A 191 14.66 -2.85 -15.70
C GLN A 191 15.54 -2.26 -14.61
N VAL A 192 16.82 -2.08 -14.89
CA VAL A 192 17.76 -1.50 -13.92
C VAL A 192 17.37 -0.05 -13.59
N THR A 193 17.10 0.73 -14.62
CA THR A 193 16.73 2.13 -14.43
C THR A 193 15.45 2.26 -13.60
N HIS A 194 14.47 1.42 -13.87
CA HIS A 194 13.22 1.43 -13.09
C HIS A 194 13.45 1.00 -11.66
N ALA A 195 14.24 -0.06 -11.43
CA ALA A 195 14.55 -0.51 -10.06
C ALA A 195 15.18 0.61 -9.20
N LEU A 196 16.07 1.37 -9.80
CA LEU A 196 16.68 2.50 -9.12
C LEU A 196 15.65 3.57 -8.74
N GLU A 197 14.56 3.67 -9.51
CA GLU A 197 13.48 4.61 -9.16
C GLU A 197 12.53 4.01 -8.13
N GLN A 198 12.32 2.70 -8.18
CA GLN A 198 11.27 2.04 -7.39
C GLN A 198 11.59 0.56 -7.18
N CYS A 199 11.99 0.16 -5.98
CA CYS A 199 12.34 -1.25 -5.78
C CYS A 199 11.07 -2.08 -5.79
N LEU A 200 11.20 -3.36 -6.07
CA LEU A 200 10.08 -4.29 -6.07
C LEU A 200 9.37 -4.38 -4.71
N HIS A 201 10.14 -4.54 -3.64
CA HIS A 201 9.56 -4.86 -2.34
C HIS A 201 8.62 -3.81 -1.80
N LYS A 202 8.93 -2.53 -2.04
CA LYS A 202 8.11 -1.43 -1.52
C LYS A 202 7.15 -0.82 -2.56
N GLY A 203 7.01 -1.45 -3.73
CA GLY A 203 6.08 -0.95 -4.75
C GLY A 203 4.69 -1.53 -4.62
N VAL A 204 3.70 -0.92 -5.28
CA VAL A 204 2.35 -1.47 -5.26
C VAL A 204 2.30 -2.62 -6.28
N PRO A 205 1.81 -3.81 -5.85
CA PRO A 205 1.90 -5.00 -6.68
C PRO A 205 1.26 -4.88 -8.07
N ARG A 206 0.02 -4.41 -8.19
CA ARG A 206 -0.57 -4.22 -9.53
C ARG A 206 0.27 -3.25 -10.38
N VAL A 207 0.89 -2.26 -9.75
CA VAL A 207 1.66 -1.27 -10.50
C VAL A 207 2.92 -1.89 -11.06
N GLU A 208 3.60 -2.67 -10.22
CA GLU A 208 4.82 -3.32 -10.66
C GLU A 208 4.54 -4.39 -11.72
N THR A 209 3.47 -5.16 -11.52
CA THR A 209 3.05 -6.15 -12.52
C THR A 209 2.77 -5.56 -13.91
N ARG A 210 2.10 -4.40 -13.95
CA ARG A 210 1.79 -3.76 -15.22
C ARG A 210 3.06 -3.40 -15.97
N PHE A 211 3.99 -2.78 -15.24
CA PHE A 211 5.28 -2.42 -15.80
C PHE A 211 6.02 -3.66 -16.31
N PHE A 212 6.11 -4.68 -15.46
CA PHE A 212 6.95 -5.83 -15.81
C PHE A 212 6.40 -6.54 -17.05
N ILE A 213 5.10 -6.83 -17.05
CA ILE A 213 4.50 -7.49 -18.22
C ILE A 213 4.71 -6.70 -19.51
N SER A 214 4.44 -5.41 -19.47
CA SER A 214 4.43 -4.61 -20.71
C SER A 214 5.83 -4.12 -21.14
N SER A 215 6.51 -3.44 -20.23
CA SER A 215 7.81 -2.85 -20.54
C SER A 215 8.98 -3.84 -20.56
N ILE A 216 8.92 -4.91 -19.76
CA ILE A 216 10.07 -5.82 -19.65
C ILE A 216 9.85 -7.19 -20.29
N TYR A 217 9.03 -8.03 -19.67
CA TYR A 217 8.94 -9.44 -20.09
C TYR A 217 8.47 -9.59 -21.52
N ASP A 218 7.58 -8.70 -21.94
CA ASP A 218 7.07 -8.72 -23.30
C ASP A 218 8.20 -8.49 -24.29
N LYS A 219 9.32 -7.90 -23.82
CA LYS A 219 10.42 -7.58 -24.75
C LYS A 219 11.69 -8.42 -24.53
N GLU A 220 11.64 -9.38 -23.62
CA GLU A 220 12.76 -10.30 -23.42
C GLU A 220 12.84 -11.28 -24.58
N GLN A 221 14.05 -11.63 -25.05
CA GLN A 221 14.12 -12.62 -26.14
C GLN A 221 14.01 -14.05 -25.57
N SER A 222 14.47 -14.20 -24.33
CA SER A 222 14.36 -15.44 -23.59
C SER A 222 12.95 -15.83 -23.11
N LYS A 223 11.97 -14.95 -23.33
CA LYS A 223 10.67 -15.05 -22.64
C LYS A 223 9.94 -16.36 -22.92
N ASN A 224 9.25 -16.86 -21.90
CA ASN A 224 8.34 -17.99 -22.07
C ASN A 224 6.97 -17.52 -22.58
N ASN A 225 6.56 -18.05 -23.72
CA ASN A 225 5.37 -17.57 -24.39
C ASN A 225 4.09 -17.95 -23.65
N VAL A 226 4.12 -19.11 -23.01
CA VAL A 226 2.98 -19.59 -22.25
C VAL A 226 2.71 -18.68 -21.03
N LEU A 227 3.76 -18.33 -20.30
CA LEU A 227 3.63 -17.46 -19.14
C LEU A 227 3.19 -16.04 -19.51
N LEU A 228 3.75 -15.52 -20.59
CA LEU A 228 3.45 -14.16 -21.03
C LEU A 228 1.98 -14.03 -21.39
N ARG A 229 1.48 -15.00 -22.15
CA ARG A 229 0.09 -14.96 -22.57
C ARG A 229 -0.83 -15.17 -21.39
N PHE A 230 -0.42 -16.04 -20.46
CA PHE A 230 -1.16 -16.29 -19.22
C PHE A 230 -1.29 -14.97 -18.47
N ALA A 231 -0.16 -14.29 -18.27
CA ALA A 231 -0.14 -13.04 -17.51
C ALA A 231 -0.97 -11.95 -18.17
N LYS A 232 -0.96 -11.87 -19.50
CA LYS A 232 -1.67 -10.81 -20.19
C LYS A 232 -3.18 -10.99 -20.09
N LEU A 233 -3.63 -12.21 -20.33
CA LEU A 233 -5.04 -12.57 -20.22
C LEU A 233 -5.58 -12.39 -18.80
N ASP A 234 -4.75 -12.72 -17.81
CA ASP A 234 -5.16 -12.65 -16.41
C ASP A 234 -5.27 -11.20 -15.95
N PHE A 235 -4.32 -10.36 -16.34
CA PHE A 235 -4.37 -8.96 -15.95
C PHE A 235 -5.63 -8.31 -16.53
N ASN A 236 -5.84 -8.49 -17.83
CA ASN A 236 -6.97 -7.90 -18.50
C ASN A 236 -8.32 -8.42 -18.02
N LEU A 237 -8.35 -9.67 -17.56
CA LEU A 237 -9.60 -10.21 -17.03
C LEU A 237 -9.95 -9.60 -15.66
N LEU A 238 -8.97 -9.53 -14.76
CA LEU A 238 -9.19 -8.92 -13.44
C LEU A 238 -9.59 -7.46 -13.60
N GLN A 239 -8.95 -6.77 -14.53
CA GLN A 239 -9.28 -5.38 -14.82
C GLN A 239 -10.77 -5.18 -15.09
N MET A 240 -11.40 -6.09 -15.82
CA MET A 240 -12.85 -6.02 -16.04
C MET A 240 -13.60 -6.04 -14.69
N LEU A 241 -13.12 -6.86 -13.76
CA LEU A 241 -13.73 -6.90 -12.44
C LEU A 241 -13.57 -5.56 -11.77
N HIS A 242 -12.37 -5.00 -11.85
CA HIS A 242 -12.06 -3.75 -11.16
C HIS A 242 -12.86 -2.59 -11.71
N LYS A 243 -13.16 -2.62 -13.01
CA LYS A 243 -13.92 -1.55 -13.64
C LYS A 243 -15.40 -1.66 -13.26
N GLN A 244 -15.88 -2.88 -13.06
CA GLN A 244 -17.25 -3.09 -12.57
C GLN A 244 -17.40 -2.52 -11.17
N GLU A 245 -16.42 -2.82 -10.32
CA GLU A 245 -16.38 -2.35 -8.94
C GLU A 245 -16.36 -0.83 -8.90
N LEU A 246 -15.47 -0.24 -9.67
CA LEU A 246 -15.36 1.21 -9.73
C LEU A 246 -16.65 1.87 -10.26
N ALA A 247 -17.32 1.23 -11.21
CA ALA A 247 -18.55 1.77 -11.77
C ALA A 247 -19.64 1.82 -10.71
N GLN A 248 -19.71 0.76 -9.93
CA GLN A 248 -20.77 0.63 -8.96
C GLN A 248 -20.48 1.56 -7.76
N VAL A 249 -19.21 1.75 -7.44
CA VAL A 249 -18.82 2.69 -6.38
C VAL A 249 -19.03 4.15 -6.85
N SER A 250 -18.81 4.40 -8.14
CA SER A 250 -19.01 5.74 -8.70
C SER A 250 -20.50 6.14 -8.67
N ARG A 251 -21.38 5.16 -8.83
CA ARG A 251 -22.83 5.37 -8.82
C ARG A 251 -23.30 5.60 -7.39
N TRP A 252 -22.66 4.92 -6.45
CA TRP A 252 -22.95 5.13 -5.03
C TRP A 252 -22.57 6.55 -4.59
N TRP A 253 -21.42 7.02 -5.05
CA TRP A 253 -20.90 8.34 -4.72
C TRP A 253 -21.72 9.47 -5.33
N LYS A 254 -22.24 9.19 -6.52
CA LYS A 254 -23.04 10.13 -7.28
C LYS A 254 -24.41 10.29 -6.65
N ASP A 255 -24.99 9.17 -6.22
CA ASP A 255 -26.30 9.16 -5.58
C ASP A 255 -26.24 9.65 -4.15
N LEU A 256 -25.03 9.91 -3.67
CA LEU A 256 -24.85 10.62 -2.41
C LEU A 256 -24.89 12.11 -2.66
N ASP A 257 -24.20 12.54 -3.71
CA ASP A 257 -24.13 13.94 -4.17
C ASP A 257 -23.59 14.91 -3.11
N PHE A 258 -22.40 14.63 -2.60
CA PHE A 258 -21.67 15.57 -1.76
C PHE A 258 -20.96 16.58 -2.63
N VAL A 259 -20.94 16.28 -3.93
CA VAL A 259 -20.26 17.10 -4.91
C VAL A 259 -20.94 18.47 -5.01
N THR A 260 -22.24 18.49 -4.75
CA THR A 260 -23.00 19.74 -4.83
C THR A 260 -23.45 20.27 -3.45
N THR A 261 -23.61 19.41 -2.45
CA THR A 261 -24.10 19.86 -1.15
C THR A 261 -22.99 20.07 -0.12
N LEU A 262 -21.85 19.41 -0.29
CA LEU A 262 -20.70 19.63 0.59
C LEU A 262 -19.47 20.06 -0.21
N PRO A 263 -19.55 21.25 -0.82
CA PRO A 263 -18.64 21.71 -1.89
C PRO A 263 -17.23 21.99 -1.41
N TYR A 264 -17.04 21.99 -0.09
CA TYR A 264 -15.72 22.28 0.47
C TYR A 264 -14.80 21.07 0.45
N ALA A 265 -15.34 19.90 0.10
CA ALA A 265 -14.54 18.66 0.15
C ALA A 265 -14.03 18.20 -1.23
N ARG A 266 -12.86 17.57 -1.25
CA ARG A 266 -12.29 17.03 -2.49
C ARG A 266 -13.14 15.91 -3.08
N ASP A 267 -13.32 15.92 -4.40
CA ASP A 267 -13.95 14.82 -5.11
C ASP A 267 -12.87 13.84 -5.62
N ARG A 268 -12.60 12.80 -4.84
CA ARG A 268 -11.47 11.88 -5.08
C ARG A 268 -11.86 10.40 -4.91
N VAL A 269 -13.03 10.02 -5.38
CA VAL A 269 -13.49 8.64 -5.19
C VAL A 269 -12.66 7.62 -6.00
N VAL A 270 -12.17 8.04 -7.17
CA VAL A 270 -11.39 7.16 -8.04
C VAL A 270 -10.03 6.86 -7.38
N GLU A 271 -9.43 7.89 -6.80
CA GLU A 271 -8.15 7.75 -6.10
C GLU A 271 -8.31 6.85 -4.87
N CYS A 272 -9.44 6.98 -4.19
CA CYS A 272 -9.77 6.11 -3.07
C CYS A 272 -9.91 4.66 -3.52
N TYR A 273 -10.46 4.45 -4.73
CA TYR A 273 -10.55 3.08 -5.24
C TYR A 273 -9.15 2.51 -5.52
N PHE A 274 -8.28 3.30 -6.13
CA PHE A 274 -6.88 2.91 -6.35
C PHE A 274 -6.20 2.47 -5.03
N TRP A 275 -6.38 3.25 -3.97
CA TRP A 275 -5.91 2.85 -2.64
CA TRP A 275 -5.94 2.87 -2.63
C TRP A 275 -6.40 1.46 -2.24
N ALA A 276 -7.72 1.24 -2.34
CA ALA A 276 -8.33 -0.05 -2.00
C ALA A 276 -7.77 -1.20 -2.85
N LEU A 277 -7.54 -0.92 -4.14
CA LEU A 277 -6.99 -1.91 -5.05
C LEU A 277 -5.53 -2.24 -4.71
N GLY A 278 -4.85 -1.29 -4.07
CA GLY A 278 -3.48 -1.51 -3.64
C GLY A 278 -3.38 -2.46 -2.46
N VAL A 279 -4.37 -2.40 -1.57
CA VAL A 279 -4.45 -3.30 -0.43
C VAL A 279 -4.71 -4.78 -0.83
N TYR A 280 -5.58 -4.99 -1.81
CA TYR A 280 -5.73 -6.32 -2.42
C TYR A 280 -6.37 -6.19 -3.79
N PHE A 281 -5.89 -6.99 -4.74
CA PHE A 281 -6.39 -6.95 -6.12
C PHE A 281 -7.12 -8.23 -6.53
N GLU A 282 -6.98 -9.30 -5.76
CA GLU A 282 -7.48 -10.62 -6.14
C GLU A 282 -9.01 -10.65 -6.17
N PRO A 283 -9.59 -11.58 -6.94
CA PRO A 283 -11.06 -11.66 -7.08
C PRO A 283 -11.80 -11.92 -5.76
N GLN A 284 -11.24 -12.76 -4.90
CA GLN A 284 -11.92 -13.22 -3.68
C GLN A 284 -12.13 -12.09 -2.68
N TYR A 285 -11.52 -10.93 -2.94
CA TYR A 285 -11.64 -9.79 -2.04
C TYR A 285 -12.47 -8.66 -2.62
N SER A 286 -13.33 -8.97 -3.59
CA SER A 286 -14.14 -7.93 -4.24
C SER A 286 -15.09 -7.26 -3.24
N GLN A 287 -15.76 -8.04 -2.40
CA GLN A 287 -16.61 -7.43 -1.37
C GLN A 287 -15.77 -6.56 -0.43
N ALA A 288 -14.57 -7.02 -0.11
CA ALA A 288 -13.72 -6.28 0.81
C ALA A 288 -13.28 -4.93 0.21
N ARG A 289 -12.90 -4.93 -1.07
CA ARG A 289 -12.50 -3.70 -1.75
C ARG A 289 -13.61 -2.63 -1.82
N VAL A 290 -14.83 -3.07 -2.09
CA VAL A 290 -15.96 -2.16 -2.20
C VAL A 290 -16.29 -1.52 -0.83
N MET A 291 -16.24 -2.31 0.23
CA MET A 291 -16.44 -1.80 1.59
C MET A 291 -15.35 -0.82 1.99
N LEU A 292 -14.11 -1.16 1.67
CA LEU A 292 -12.96 -0.34 2.04
C LEU A 292 -13.00 1.04 1.37
N VAL A 293 -13.25 1.08 0.06
CA VAL A 293 -13.21 2.35 -0.67
C VAL A 293 -14.32 3.32 -0.20
N LYS A 294 -15.46 2.77 0.23
CA LYS A 294 -16.56 3.59 0.75
C LYS A 294 -16.16 4.25 2.06
N THR A 295 -15.38 3.54 2.87
CA THR A 295 -14.89 4.06 4.14
C THR A 295 -13.78 5.10 3.92
N ILE A 296 -12.86 4.85 3.00
CA ILE A 296 -11.82 5.83 2.68
C ILE A 296 -12.38 7.17 2.22
N SER A 297 -13.35 7.11 1.32
CA SER A 297 -13.90 8.34 0.76
C SER A 297 -14.73 9.09 1.80
N MET A 298 -15.42 8.38 2.67
CA MET A 298 -16.19 9.05 3.71
C MET A 298 -15.28 9.71 4.75
N ILE A 299 -14.23 9.02 5.20
CA ILE A 299 -13.35 9.60 6.22
C ILE A 299 -12.59 10.80 5.64
N SER A 300 -12.44 10.84 4.33
CA SER A 300 -11.79 11.97 3.68
C SER A 300 -12.63 13.24 3.73
N ILE A 301 -13.97 13.09 3.68
CA ILE A 301 -14.90 14.22 3.80
C ILE A 301 -14.92 14.80 5.21
N VAL A 302 -14.83 13.91 6.19
CA VAL A 302 -14.81 14.27 7.59
C VAL A 302 -13.53 15.05 7.90
N ASP A 303 -12.45 14.67 7.25
CA ASP A 303 -11.17 15.33 7.41
C ASP A 303 -11.23 16.75 6.86
N ASP A 304 -11.89 16.92 5.72
CA ASP A 304 -12.00 18.26 5.14
C ASP A 304 -12.98 19.14 5.93
N THR A 305 -13.87 18.53 6.71
CA THR A 305 -14.79 19.28 7.57
C THR A 305 -14.03 19.92 8.73
N PHE A 306 -13.19 19.11 9.39
CA PHE A 306 -12.29 19.62 10.44
C PHE A 306 -11.27 20.60 9.87
N ASP A 307 -10.75 20.29 8.70
CA ASP A 307 -9.61 21.01 8.13
C ASP A 307 -9.97 22.27 7.34
N ALA A 308 -11.13 22.31 6.69
CA ALA A 308 -11.37 23.35 5.71
C ALA A 308 -12.69 24.13 5.82
N TYR A 309 -13.54 23.80 6.80
CA TYR A 309 -14.84 24.46 6.83
C TYR A 309 -15.37 24.81 8.24
N GLY A 310 -15.41 23.81 9.11
CA GLY A 310 -16.06 23.96 10.40
C GLY A 310 -15.33 24.80 11.43
N THR A 311 -16.11 25.59 12.16
CA THR A 311 -15.61 26.40 13.26
C THR A 311 -15.38 25.55 14.51
N VAL A 312 -14.64 26.08 15.50
CA VAL A 312 -14.24 25.29 16.66
C VAL A 312 -15.43 24.84 17.49
N LYS A 313 -16.47 25.66 17.50
CA LYS A 313 -17.72 25.34 18.19
C LYS A 313 -18.37 24.10 17.57
N GLU A 314 -18.63 24.14 16.27
CA GLU A 314 -19.37 23.06 15.64
C GLU A 314 -18.53 21.79 15.42
N LEU A 315 -17.21 21.92 15.48
CA LEU A 315 -16.38 20.72 15.42
C LEU A 315 -16.47 19.94 16.73
N GLU A 316 -16.72 20.65 17.83
CA GLU A 316 -16.92 20.00 19.12
C GLU A 316 -18.24 19.22 19.17
N ALA A 317 -19.29 19.80 18.58
CA ALA A 317 -20.59 19.12 18.45
C ALA A 317 -20.50 17.88 17.53
N TYR A 318 -19.78 18.02 16.43
CA TYR A 318 -19.57 16.91 15.53
C TYR A 318 -18.81 15.77 16.25
N THR A 319 -17.80 16.13 17.03
CA THR A 319 -17.02 15.12 17.73
C THR A 319 -17.83 14.35 18.78
N ASP A 320 -18.62 15.05 19.58
CA ASP A 320 -19.39 14.38 20.61
C ASP A 320 -20.52 13.52 20.01
N ALA A 321 -21.06 13.92 18.87
CA ALA A 321 -22.11 13.15 18.22
C ALA A 321 -21.52 11.84 17.72
N ILE A 322 -20.28 11.89 17.23
CA ILE A 322 -19.64 10.69 16.73
C ILE A 322 -19.38 9.67 17.87
N GLN A 323 -19.01 10.18 19.05
CA GLN A 323 -18.82 9.31 20.21
C GLN A 323 -20.12 8.62 20.66
N ARG A 324 -21.23 9.36 20.66
CA ARG A 324 -22.53 8.82 21.11
C ARG A 324 -23.19 7.91 20.07
N TRP A 325 -22.92 8.14 18.78
CA TRP A 325 -23.32 7.27 17.68
C TRP A 325 -24.80 6.89 17.73
N ASP A 326 -25.64 7.85 17.39
CA ASP A 326 -27.09 7.72 17.57
C ASP A 326 -27.80 8.74 16.69
N ILE A 327 -28.70 8.23 15.85
CA ILE A 327 -29.40 9.06 14.87
C ILE A 327 -30.17 10.19 15.56
N ASN A 328 -30.56 9.98 16.82
CA ASN A 328 -31.26 10.98 17.63
C ASN A 328 -30.48 12.29 17.86
N GLU A 329 -29.19 12.26 17.54
CA GLU A 329 -28.27 13.36 17.80
C GLU A 329 -28.12 14.38 16.65
N ILE A 330 -28.72 14.11 15.50
CA ILE A 330 -28.52 14.94 14.30
C ILE A 330 -28.89 16.43 14.47
N ASP A 331 -29.91 16.71 15.29
CA ASP A 331 -30.48 18.07 15.34
C ASP A 331 -29.64 19.04 16.15
N ARG A 332 -28.69 18.49 16.89
CA ARG A 332 -27.76 19.29 17.66
C ARG A 332 -26.63 19.78 16.75
N LEU A 333 -26.68 19.35 15.50
CA LEU A 333 -25.63 19.64 14.52
C LEU A 333 -26.12 20.65 13.49
N PRO A 334 -25.20 21.47 12.96
CA PRO A 334 -25.51 22.34 11.82
C PRO A 334 -26.07 21.54 10.67
N ASP A 335 -26.87 22.16 9.81
CA ASP A 335 -27.54 21.44 8.73
C ASP A 335 -26.57 20.67 7.82
N TYR A 336 -25.40 21.25 7.59
CA TYR A 336 -24.47 20.68 6.62
C TYR A 336 -23.72 19.48 7.20
N MET A 337 -23.65 19.43 8.53
CA MET A 337 -23.04 18.30 9.23
C MET A 337 -24.04 17.16 9.39
N LYS A 338 -25.33 17.50 9.42
CA LYS A 338 -26.36 16.48 9.39
C LYS A 338 -26.21 15.58 8.16
N ILE A 339 -25.80 16.18 7.05
CA ILE A 339 -25.66 15.44 5.80
C ILE A 339 -24.64 14.31 5.96
N SER A 340 -23.42 14.67 6.33
CA SER A 340 -22.34 13.69 6.43
C SER A 340 -22.58 12.71 7.59
N TYR A 341 -22.97 13.22 8.75
CA TYR A 341 -23.21 12.40 9.92
C TYR A 341 -24.24 11.29 9.66
N LYS A 342 -25.31 11.62 8.96
CA LYS A 342 -26.33 10.63 8.60
C LYS A 342 -25.80 9.64 7.57
N ALA A 343 -25.01 10.13 6.63
CA ALA A 343 -24.43 9.24 5.62
C ALA A 343 -23.45 8.26 6.26
N ILE A 344 -22.87 8.65 7.40
CA ILE A 344 -21.92 7.80 8.11
C ILE A 344 -22.62 6.69 8.88
N LEU A 345 -23.66 7.06 9.62
CA LEU A 345 -24.43 6.08 10.39
C LEU A 345 -25.08 5.09 9.44
N ASP A 346 -25.62 5.59 8.32
CA ASP A 346 -26.19 4.75 7.27
C ASP A 346 -25.19 3.77 6.67
N LEU A 347 -23.93 4.19 6.49
CA LEU A 347 -22.94 3.30 5.88
C LEU A 347 -22.70 2.05 6.72
N TYR A 348 -22.66 2.20 8.04
CA TYR A 348 -22.37 1.07 8.91
C TYR A 348 -23.59 0.17 9.11
N LYS A 349 -24.77 0.73 8.94
CA LYS A 349 -25.98 -0.06 8.94
C LYS A 349 -26.00 -0.92 7.67
N ASP A 350 -25.45 -0.39 6.57
CA ASP A 350 -25.33 -1.14 5.32
C ASP A 350 -24.37 -2.31 5.45
N TYR A 351 -23.18 -2.03 5.99
CA TYR A 351 -22.17 -3.04 6.26
C TYR A 351 -22.73 -4.20 7.09
N GLU A 352 -23.53 -3.87 8.10
CA GLU A 352 -24.14 -4.88 8.95
C GLU A 352 -25.07 -5.81 8.18
N LYS A 353 -25.88 -5.24 7.28
CA LYS A 353 -26.81 -6.00 6.45
C LYS A 353 -26.10 -6.96 5.45
N GLU A 354 -25.03 -6.48 4.82
CA GLU A 354 -24.23 -7.29 3.90
C GLU A 354 -23.54 -8.50 4.54
N LEU A 355 -23.16 -8.34 5.81
CA LEU A 355 -22.48 -9.40 6.54
C LEU A 355 -23.47 -10.28 7.28
N SER A 356 -24.75 -9.98 7.18
CA SER A 356 -25.75 -10.69 7.98
C SER A 356 -25.92 -12.13 7.49
N SER A 357 -25.47 -12.36 6.26
CA SER A 357 -25.68 -13.63 5.56
C SER A 357 -24.69 -14.71 5.97
N ALA A 358 -23.59 -14.30 6.58
CA ALA A 358 -22.58 -15.24 7.08
C ALA A 358 -22.38 -15.06 8.58
N GLY A 359 -23.37 -14.44 9.24
CA GLY A 359 -23.33 -14.23 10.67
C GLY A 359 -22.10 -13.49 11.16
N ARG A 360 -21.70 -12.46 10.42
CA ARG A 360 -20.52 -11.67 10.76
C ARG A 360 -20.83 -10.19 11.00
N SER A 361 -22.06 -9.89 11.45
CA SER A 361 -22.45 -8.50 11.67
C SER A 361 -21.75 -7.88 12.88
N HIS A 362 -21.49 -8.70 13.89
CA HIS A 362 -20.93 -8.23 15.15
C HIS A 362 -19.54 -7.59 15.01
N ILE A 363 -18.82 -7.93 13.96
CA ILE A 363 -17.43 -7.48 13.78
C ILE A 363 -17.34 -6.02 13.35
N VAL A 364 -18.46 -5.49 12.84
CA VAL A 364 -18.55 -4.11 12.39
C VAL A 364 -18.18 -3.12 13.51
N CYS A 365 -18.54 -3.45 14.74
CA CYS A 365 -18.27 -2.60 15.91
C CYS A 365 -16.80 -2.24 16.06
N HIS A 366 -15.89 -3.02 15.47
CA HIS A 366 -14.45 -2.78 15.61
C HIS A 366 -13.98 -1.59 14.76
N ALA A 367 -14.38 -1.55 13.49
CA ALA A 367 -14.15 -0.38 12.64
C ALA A 367 -14.79 0.91 13.21
N ILE A 368 -15.96 0.78 13.84
CA ILE A 368 -16.64 1.93 14.39
C ILE A 368 -15.85 2.55 15.55
N GLU A 369 -15.32 1.72 16.46
CA GLU A 369 -14.56 2.22 17.59
C GLU A 369 -13.25 2.88 17.13
N ARG A 370 -12.65 2.34 16.08
CA ARG A 370 -11.46 2.95 15.47
C ARG A 370 -11.77 4.28 14.81
N MET A 371 -13.01 4.44 14.36
CA MET A 371 -13.40 5.70 13.73
C MET A 371 -13.65 6.79 14.74
N LYS A 372 -14.25 6.43 15.87
CA LYS A 372 -14.43 7.39 16.96
C LYS A 372 -13.05 7.91 17.39
N GLU A 373 -12.05 7.03 17.42
CA GLU A 373 -10.69 7.39 17.83
C GLU A 373 -10.06 8.40 16.86
N VAL A 374 -10.22 8.17 15.56
CA VAL A 374 -9.73 9.10 14.55
C VAL A 374 -10.32 10.50 14.74
N VAL A 375 -11.61 10.54 15.06
CA VAL A 375 -12.35 11.80 15.15
C VAL A 375 -11.95 12.58 16.40
N ARG A 376 -11.72 11.89 17.51
CA ARG A 376 -11.24 12.54 18.73
C ARG A 376 -9.94 13.28 18.45
N ASN A 377 -9.03 12.62 17.72
CA ASN A 377 -7.73 13.21 17.44
C ASN A 377 -7.77 14.30 16.36
N TYR A 378 -8.73 14.24 15.45
CA TYR A 378 -8.96 15.36 14.54
C TYR A 378 -9.27 16.62 15.38
N ASN A 379 -10.08 16.42 16.42
CA ASN A 379 -10.55 17.53 17.23
C ASN A 379 -9.43 18.10 18.10
N VAL A 380 -8.53 17.23 18.58
CA VAL A 380 -7.36 17.69 19.32
C VAL A 380 -6.45 18.54 18.43
N GLU A 381 -6.17 18.01 17.24
CA GLU A 381 -5.31 18.66 16.25
C GLU A 381 -5.80 20.07 15.91
N SER A 382 -7.13 20.22 15.85
CA SER A 382 -7.78 21.51 15.66
C SER A 382 -7.54 22.47 16.83
N THR A 383 -7.72 21.97 18.05
CA THR A 383 -7.47 22.77 19.25
C THR A 383 -6.04 23.29 19.30
N TRP A 384 -5.08 22.45 18.96
CA TRP A 384 -3.68 22.86 18.87
C TRP A 384 -3.46 24.01 17.88
N PHE A 385 -4.15 23.94 16.73
CA PHE A 385 -4.09 24.99 15.73
C PHE A 385 -4.59 26.34 16.21
N ILE A 386 -5.80 26.38 16.76
CA ILE A 386 -6.34 27.62 17.33
C ILE A 386 -5.41 28.24 18.37
N GLU A 387 -4.91 27.42 19.30
CA GLU A 387 -4.06 27.89 20.40
C GLU A 387 -2.63 28.23 19.96
N GLY A 388 -2.22 27.70 18.81
CA GLY A 388 -0.84 27.87 18.36
C GLY A 388 0.12 27.06 19.21
N TYR A 389 -0.22 25.81 19.47
CA TYR A 389 0.57 24.97 20.37
C TYR A 389 1.48 24.08 19.56
N THR A 390 2.75 24.08 19.93
CA THR A 390 3.75 23.20 19.34
C THR A 390 4.22 22.19 20.37
N PRO A 391 3.57 21.02 20.43
CA PRO A 391 3.90 20.00 21.42
C PRO A 391 5.30 19.37 21.25
N PRO A 392 5.77 18.65 22.27
CA PRO A 392 6.92 17.75 22.16
C PRO A 392 6.69 16.66 21.09
N VAL A 393 7.74 16.11 20.49
CA VAL A 393 7.56 15.12 19.42
C VAL A 393 6.81 13.91 19.96
N SER A 394 7.17 13.52 21.18
CA SER A 394 6.45 12.52 21.95
C SER A 394 4.92 12.75 21.89
N GLU A 395 4.47 13.89 22.41
CA GLU A 395 3.04 14.21 22.52
C GLU A 395 2.40 14.39 21.13
N TYR A 396 3.10 15.03 20.21
CA TYR A 396 2.62 15.15 18.84
C TYR A 396 2.26 13.79 18.24
N LEU A 397 3.14 12.82 18.39
CA LEU A 397 2.93 11.47 17.85
C LEU A 397 1.76 10.75 18.51
N SER A 398 1.63 10.89 19.83
CA SER A 398 0.54 10.23 20.55
C SER A 398 -0.84 10.58 19.98
N ASN A 399 -0.95 11.74 19.35
CA ASN A 399 -2.21 12.15 18.72
C ASN A 399 -2.19 11.93 17.22
N ALA A 400 -1.07 12.27 16.59
CA ALA A 400 -1.00 12.34 15.14
C ALA A 400 -0.85 10.98 14.47
N LEU A 401 -0.61 9.93 15.24
CA LEU A 401 -0.51 8.62 14.59
C LEU A 401 -1.89 8.16 14.13
N ALA A 402 -2.92 8.47 14.89
CA ALA A 402 -4.24 7.95 14.61
C ALA A 402 -4.89 8.76 13.51
N THR A 403 -4.54 10.04 13.41
CA THR A 403 -5.07 10.89 12.33
C THR A 403 -4.55 10.51 10.92
N THR A 404 -3.57 9.60 10.83
CA THR A 404 -3.21 9.03 9.52
C THR A 404 -4.37 8.21 8.96
N THR A 405 -5.27 7.84 9.88
CA THR A 405 -6.40 6.94 9.68
C THR A 405 -5.98 5.48 9.49
N TYR A 406 -4.69 5.17 9.60
CA TYR A 406 -4.22 3.85 9.19
C TYR A 406 -4.63 2.71 10.16
N TYR A 407 -4.81 3.01 11.45
CA TYR A 407 -5.35 2.01 12.38
C TYR A 407 -6.76 1.60 11.94
N TYR A 408 -7.46 2.58 11.39
CA TYR A 408 -8.86 2.44 11.05
C TYR A 408 -9.03 1.76 9.66
N LEU A 409 -8.22 2.11 8.67
CA LEU A 409 -8.29 1.44 7.36
C LEU A 409 -7.87 -0.03 7.45
N ALA A 410 -6.88 -0.32 8.29
CA ALA A 410 -6.44 -1.69 8.52
C ALA A 410 -7.57 -2.52 9.12
N THR A 411 -8.23 -1.99 10.13
CA THR A 411 -9.38 -2.66 10.70
C THR A 411 -10.48 -2.87 9.68
N THR A 412 -10.67 -1.87 8.84
CA THR A 412 -11.74 -1.87 7.85
C THR A 412 -11.45 -2.86 6.74
N SER A 413 -10.17 -3.11 6.47
CA SER A 413 -9.81 -3.99 5.39
C SER A 413 -10.23 -5.43 5.72
N TYR A 414 -10.36 -5.75 7.00
CA TYR A 414 -10.79 -7.08 7.44
C TYR A 414 -12.29 -7.36 7.30
N LEU A 415 -13.12 -6.32 7.26
CA LEU A 415 -14.56 -6.49 7.30
C LEU A 415 -15.07 -7.42 6.19
N GLY A 416 -14.52 -7.24 4.99
CA GLY A 416 -15.00 -7.98 3.83
C GLY A 416 -14.22 -9.26 3.51
N MET A 417 -13.27 -9.59 4.36
CA MET A 417 -12.52 -10.84 4.22
C MET A 417 -13.27 -11.96 4.93
N LYS A 418 -13.75 -12.96 4.19
CA LYS A 418 -14.69 -13.91 4.79
C LYS A 418 -14.06 -14.77 5.88
N SER A 419 -12.73 -14.80 5.96
CA SER A 419 -12.05 -15.65 6.94
C SER A 419 -11.56 -14.92 8.19
N ALA A 420 -11.73 -13.61 8.23
CA ALA A 420 -11.37 -12.84 9.42
C ALA A 420 -12.28 -13.24 10.58
N THR A 421 -11.66 -13.77 11.64
CA THR A 421 -12.38 -14.20 12.85
C THR A 421 -12.30 -13.12 13.93
N GLU A 422 -13.08 -13.26 15.00
CA GLU A 422 -13.05 -12.29 16.07
C GLU A 422 -11.67 -12.21 16.73
N GLN A 423 -10.96 -13.34 16.76
CA GLN A 423 -9.62 -13.42 17.34
C GLN A 423 -8.60 -12.63 16.52
N ASP A 424 -8.88 -12.49 15.22
CA ASP A 424 -8.05 -11.69 14.32
C ASP A 424 -8.21 -10.19 14.62
N PHE A 425 -9.43 -9.78 14.97
CA PHE A 425 -9.72 -8.37 15.28
C PHE A 425 -9.16 -8.00 16.63
N GLU A 426 -9.06 -8.99 17.51
CA GLU A 426 -8.55 -8.76 18.85
C GLU A 426 -7.05 -8.50 18.82
N TRP A 427 -6.33 -9.29 18.00
CA TRP A 427 -4.91 -9.07 17.75
C TRP A 427 -4.65 -7.65 17.28
N LEU A 428 -5.43 -7.23 16.30
CA LEU A 428 -5.30 -5.91 15.70
C LEU A 428 -5.66 -4.80 16.68
N SER A 429 -6.53 -5.09 17.64
CA SER A 429 -6.99 -4.05 18.56
C SER A 429 -5.90 -3.65 19.55
N LYS A 430 -4.90 -4.52 19.74
CA LYS A 430 -3.81 -4.26 20.68
C LYS A 430 -2.65 -3.45 20.08
N ASN A 431 -2.87 -2.85 18.92
CA ASN A 431 -1.82 -2.11 18.20
C ASN A 431 -0.51 -2.88 18.03
N PRO A 432 -0.55 -4.07 17.39
CA PRO A 432 0.69 -4.85 17.23
C PRO A 432 1.76 -4.06 16.48
N LYS A 433 3.00 -4.56 16.56
CA LYS A 433 4.17 -3.81 16.10
C LYS A 433 4.17 -3.60 14.58
N ILE A 434 3.68 -4.56 13.81
CA ILE A 434 3.68 -4.44 12.35
C ILE A 434 2.70 -3.33 11.90
N LEU A 435 1.57 -3.20 12.59
CA LEU A 435 0.61 -2.14 12.32
C LEU A 435 1.14 -0.77 12.77
N GLU A 436 1.80 -0.71 13.92
CA GLU A 436 2.38 0.56 14.39
C GLU A 436 3.44 1.09 13.41
N ALA A 437 4.22 0.20 12.78
CA ALA A 437 5.27 0.58 11.82
C ALA A 437 4.68 1.13 10.50
N SER A 438 3.63 0.48 10.04
CA SER A 438 2.94 0.91 8.86
C SER A 438 2.35 2.32 9.07
N VAL A 439 1.82 2.56 10.26
CA VAL A 439 1.27 3.87 10.61
C VAL A 439 2.34 4.96 10.72
N ILE A 440 3.50 4.58 11.26
CA ILE A 440 4.63 5.49 11.43
C ILE A 440 5.19 5.93 10.08
N ILE A 441 5.28 4.99 9.14
CA ILE A 441 5.72 5.30 7.78
C ILE A 441 4.77 6.32 7.13
N CYS A 442 3.47 6.10 7.26
CA CYS A 442 2.51 7.06 6.72
C CYS A 442 2.71 8.44 7.32
N ARG A 443 2.82 8.49 8.66
CA ARG A 443 2.91 9.77 9.37
C ARG A 443 4.13 10.58 8.96
N VAL A 444 5.34 9.99 9.06
CA VAL A 444 6.58 10.75 8.81
C VAL A 444 6.77 11.12 7.33
N ILE A 445 6.29 10.28 6.41
CA ILE A 445 6.47 10.57 5.00
C ILE A 445 5.52 11.68 4.60
N ASP A 446 4.31 11.64 5.16
CA ASP A 446 3.33 12.69 4.88
C ASP A 446 3.78 14.02 5.47
N ASP A 447 4.42 13.99 6.63
CA ASP A 447 4.90 15.23 7.27
C ASP A 447 6.10 15.84 6.55
N THR A 448 6.93 15.00 5.96
CA THR A 448 8.08 15.48 5.20
C THR A 448 7.62 16.09 3.87
N ALA A 449 6.61 15.47 3.26
CA ALA A 449 6.12 15.87 1.93
C ALA A 449 5.27 17.15 1.97
N THR A 450 4.55 17.34 3.07
CA THR A 450 3.58 18.43 3.14
C THR A 450 3.94 19.50 4.17
N TYR A 451 5.20 19.55 4.59
CA TYR A 451 5.62 20.49 5.63
C TYR A 451 5.49 21.94 5.16
N GLU A 452 6.05 22.27 3.99
CA GLU A 452 6.00 23.63 3.48
C GLU A 452 4.57 24.09 3.17
N VAL A 453 3.81 23.20 2.54
CA VAL A 453 2.40 23.43 2.21
C VAL A 453 1.61 23.99 3.40
N GLU A 454 1.82 23.40 4.57
CA GLU A 454 1.09 23.79 5.77
C GLU A 454 1.71 24.97 6.52
N LYS A 455 3.05 25.00 6.58
CA LYS A 455 3.80 26.07 7.25
C LYS A 455 3.44 27.43 6.66
N SER A 456 3.15 27.45 5.36
CA SER A 456 2.74 28.65 4.65
C SER A 456 1.40 29.20 5.15
N ARG A 457 0.49 28.31 5.55
CA ARG A 457 -0.82 28.73 6.03
C ARG A 457 -1.03 28.47 7.53
N GLY A 458 0.04 28.63 8.31
CA GLY A 458 -0.06 28.78 9.76
C GLY A 458 -0.05 27.56 10.65
N GLN A 459 0.27 26.39 10.11
CA GLN A 459 0.27 25.17 10.92
C GLN A 459 1.49 25.09 11.83
N ILE A 460 1.36 25.66 13.04
CA ILE A 460 2.41 25.59 14.05
C ILE A 460 2.62 24.16 14.55
N ALA A 461 1.56 23.36 14.48
CA ALA A 461 1.58 22.02 15.05
C ALA A 461 1.99 20.96 14.01
N THR A 462 2.75 21.38 12.99
CA THR A 462 3.18 20.44 11.96
C THR A 462 4.36 19.61 12.48
N GLY A 463 4.33 18.32 12.18
CA GLY A 463 5.33 17.35 12.64
C GLY A 463 6.78 17.80 12.61
N ILE A 464 7.25 18.27 11.46
CA ILE A 464 8.63 18.70 11.32
C ILE A 464 8.92 19.88 12.26
N GLU A 465 7.93 20.75 12.50
CA GLU A 465 8.13 21.93 13.34
C GLU A 465 8.25 21.59 14.83
N CYS A 466 7.51 20.57 15.28
CA CYS A 466 7.68 20.05 16.63
C CYS A 466 9.08 19.47 16.76
N CYS A 467 9.52 18.76 15.72
CA CYS A 467 10.82 18.13 15.72
C CYS A 467 11.93 19.18 15.80
N MET A 468 11.77 20.29 15.09
CA MET A 468 12.78 21.35 15.09
C MET A 468 12.89 22.07 16.43
N ARG A 469 11.74 22.41 17.02
CA ARG A 469 11.70 23.15 18.29
C ARG A 469 12.18 22.28 19.47
N ASP A 470 11.74 21.03 19.48
CA ASP A 470 12.13 20.07 20.49
C ASP A 470 13.64 19.87 20.54
N TYR A 471 14.20 19.22 19.52
CA TYR A 471 15.62 18.87 19.49
C TYR A 471 16.59 20.02 19.21
N GLY A 472 16.07 21.19 18.84
CA GLY A 472 16.90 22.33 18.50
C GLY A 472 17.76 22.11 17.27
N ILE A 473 17.12 21.84 16.12
CA ILE A 473 17.81 21.46 14.88
C ILE A 473 17.18 22.12 13.64
N SER A 474 17.92 22.16 12.53
CA SER A 474 17.44 22.82 11.31
C SER A 474 16.32 22.02 10.65
N THR A 475 15.75 22.57 9.57
CA THR A 475 14.69 21.86 8.85
C THR A 475 15.26 20.64 8.12
N LYS A 476 16.52 20.73 7.71
CA LYS A 476 17.19 19.63 7.02
C LYS A 476 17.40 18.45 7.95
N GLU A 477 17.89 18.74 9.15
CA GLU A 477 18.20 17.72 10.14
C GLU A 477 16.93 17.07 10.68
N ALA A 478 15.86 17.86 10.76
CA ALA A 478 14.55 17.35 11.19
C ALA A 478 14.01 16.36 10.16
N MET A 479 14.10 16.72 8.89
CA MET A 479 13.60 15.85 7.85
C MET A 479 14.39 14.54 7.76
N ALA A 480 15.67 14.59 8.08
CA ALA A 480 16.50 13.40 8.04
C ALA A 480 16.26 12.48 9.24
N LYS A 481 15.83 13.05 10.38
CA LYS A 481 15.46 12.19 11.51
C LYS A 481 14.16 11.47 11.26
N PHE A 482 13.25 12.13 10.53
CA PHE A 482 12.00 11.50 10.14
C PHE A 482 12.24 10.40 9.10
N GLN A 483 13.09 10.69 8.11
CA GLN A 483 13.49 9.73 7.09
C GLN A 483 14.00 8.47 7.78
N ASN A 484 14.74 8.67 8.85
CA ASN A 484 15.35 7.58 9.58
C ASN A 484 14.34 6.78 10.41
N MET A 485 13.30 7.44 10.91
CA MET A 485 12.22 6.76 11.61
C MET A 485 11.46 5.83 10.66
N ALA A 486 11.36 6.27 9.41
CA ALA A 486 10.74 5.46 8.38
C ALA A 486 11.59 4.22 8.07
N GLU A 487 12.91 4.35 8.12
CA GLU A 487 13.79 3.22 7.80
C GLU A 487 13.71 2.15 8.87
N THR A 488 13.66 2.60 10.11
CA THR A 488 13.51 1.70 11.26
C THR A 488 12.18 0.97 11.19
N ALA A 489 11.13 1.71 10.87
CA ALA A 489 9.80 1.14 10.67
C ALA A 489 9.74 0.05 9.56
N TRP A 490 10.47 0.21 8.46
CA TRP A 490 10.48 -0.85 7.46
C TRP A 490 11.18 -2.11 7.97
N LYS A 491 12.17 -1.94 8.86
CA LYS A 491 12.87 -3.11 9.39
C LYS A 491 11.92 -3.89 10.28
N ASP A 492 11.01 -3.18 10.95
CA ASP A 492 10.02 -3.80 11.83
C ASP A 492 8.88 -4.49 11.08
N ILE A 493 8.42 -3.90 9.98
CA ILE A 493 7.51 -4.58 9.07
C ILE A 493 8.11 -5.91 8.58
N ASN A 494 9.34 -5.84 8.06
CA ASN A 494 10.02 -7.03 7.57
C ASN A 494 10.14 -8.14 8.63
N GLU A 495 10.47 -7.78 9.87
CA GLU A 495 10.51 -8.76 10.97
C GLU A 495 9.12 -9.35 11.24
N GLY A 496 8.10 -8.50 11.10
CA GLY A 496 6.74 -8.89 11.40
C GLY A 496 6.15 -9.89 10.45
N LEU A 497 6.86 -10.19 9.37
CA LEU A 497 6.35 -11.16 8.41
C LEU A 497 6.97 -12.54 8.65
N LEU A 498 8.00 -12.58 9.51
CA LEU A 498 8.76 -13.81 9.72
C LEU A 498 7.98 -14.83 10.56
N ARG A 499 8.11 -16.11 10.21
CA ARG A 499 7.42 -17.21 10.89
C ARG A 499 8.08 -17.57 12.21
N PRO A 500 7.29 -18.04 13.20
CA PRO A 500 5.83 -18.19 13.21
C PRO A 500 5.08 -16.85 13.35
N THR A 501 4.07 -16.62 12.50
CA THR A 501 3.30 -15.36 12.48
C THR A 501 2.21 -15.34 13.57
N PRO A 502 1.88 -14.14 14.11
CA PRO A 502 0.91 -14.03 15.21
C PRO A 502 -0.54 -14.25 14.78
N VAL A 503 -0.82 -13.92 13.52
CA VAL A 503 -2.08 -14.22 12.88
C VAL A 503 -1.72 -14.75 11.51
N SER A 504 -2.69 -15.26 10.77
CA SER A 504 -2.41 -15.79 9.43
C SER A 504 -1.87 -14.70 8.49
N THR A 505 -1.02 -15.11 7.56
CA THR A 505 -0.34 -14.20 6.63
C THR A 505 -1.32 -13.39 5.80
N GLU A 506 -2.47 -14.00 5.51
CA GLU A 506 -3.53 -13.32 4.79
C GLU A 506 -3.92 -11.99 5.45
N PHE A 507 -3.74 -11.89 6.77
CA PHE A 507 -4.12 -10.69 7.52
C PHE A 507 -2.94 -9.76 7.81
N LEU A 508 -1.73 -10.18 7.44
CA LEU A 508 -0.54 -9.32 7.52
C LEU A 508 -0.33 -8.52 6.22
N THR A 509 -0.50 -9.19 5.08
CA THR A 509 -0.33 -8.54 3.77
C THR A 509 -1.09 -7.21 3.58
N PRO A 510 -2.36 -7.09 4.05
CA PRO A 510 -3.00 -5.78 3.91
C PRO A 510 -2.24 -4.64 4.59
N ILE A 511 -1.63 -4.91 5.76
CA ILE A 511 -0.86 -3.92 6.51
C ILE A 511 0.44 -3.54 5.75
N LEU A 512 1.11 -4.54 5.18
CA LEU A 512 2.30 -4.29 4.41
C LEU A 512 1.95 -3.45 3.19
N ASN A 513 0.86 -3.81 2.51
CA ASN A 513 0.41 -3.08 1.33
C ASN A 513 0.00 -1.63 1.62
N LEU A 514 -0.53 -1.36 2.80
CA LEU A 514 -0.76 0.02 3.25
C LEU A 514 0.53 0.83 3.29
N ALA A 515 1.61 0.25 3.80
CA ALA A 515 2.92 0.91 3.82
C ALA A 515 3.46 1.17 2.39
N ARG A 516 3.28 0.21 1.49
CA ARG A 516 3.62 0.40 0.07
C ARG A 516 2.89 1.58 -0.59
N ILE A 517 1.60 1.77 -0.26
CA ILE A 517 0.80 2.86 -0.87
C ILE A 517 1.39 4.23 -0.53
N VAL A 518 1.77 4.41 0.73
CA VAL A 518 2.47 5.64 1.17
C VAL A 518 3.68 5.96 0.30
N GLU A 519 4.59 4.98 0.19
CA GLU A 519 5.82 5.13 -0.57
C GLU A 519 5.62 5.48 -2.06
N VAL A 520 4.58 4.92 -2.66
CA VAL A 520 4.31 5.18 -4.08
C VAL A 520 3.63 6.54 -4.31
N THR A 521 2.76 6.93 -3.37
CA THR A 521 1.93 8.13 -3.50
C THR A 521 2.75 9.40 -3.27
N TYR A 522 3.69 9.31 -2.35
CA TYR A 522 4.48 10.46 -1.94
C TYR A 522 5.90 10.42 -2.51
N ILE A 523 6.08 9.62 -3.56
CA ILE A 523 7.38 9.42 -4.20
C ILE A 523 8.00 10.77 -4.58
N HIS A 524 9.32 10.89 -4.40
CA HIS A 524 10.09 12.09 -4.77
C HIS A 524 9.70 13.37 -4.01
N ASN A 525 8.63 13.30 -3.22
CA ASN A 525 8.27 14.25 -2.15
C ASN A 525 7.32 15.42 -2.47
N LEU A 526 6.16 15.13 -3.03
CA LEU A 526 5.00 16.04 -2.87
C LEU A 526 3.72 15.19 -2.84
N ASP A 527 2.62 15.79 -2.40
CA ASP A 527 1.38 15.07 -2.12
C ASP A 527 0.72 14.60 -3.42
N GLY A 528 0.53 13.29 -3.54
CA GLY A 528 -0.02 12.69 -4.74
C GLY A 528 -1.49 12.36 -4.60
N TYR A 529 -2.02 12.48 -3.38
CA TYR A 529 -3.45 12.28 -3.16
C TYR A 529 -4.22 13.59 -3.35
N THR A 530 -3.72 14.66 -2.75
CA THR A 530 -4.32 15.99 -2.94
C THR A 530 -4.08 16.47 -4.38
N HIS A 531 -2.86 16.25 -4.88
CA HIS A 531 -2.52 16.53 -6.27
C HIS A 531 -2.36 15.22 -7.06
N PRO A 532 -3.48 14.68 -7.56
CA PRO A 532 -3.45 13.34 -8.17
C PRO A 532 -2.73 13.31 -9.51
N GLU A 533 -2.69 14.42 -10.24
CA GLU A 533 -2.11 14.43 -11.59
C GLU A 533 -0.59 14.27 -11.52
N LYS A 534 -0.03 14.60 -10.37
CA LYS A 534 1.37 14.30 -10.07
C LYS A 534 1.66 12.81 -10.30
N VAL A 535 1.28 12.01 -9.31
CA VAL A 535 1.69 10.63 -9.20
C VAL A 535 0.65 9.64 -9.70
N LEU A 536 -0.60 9.84 -9.29
CA LEU A 536 -1.62 8.82 -9.40
C LEU A 536 -2.26 8.69 -10.79
N LYS A 537 -2.40 9.80 -11.50
CA LYS A 537 -3.07 9.79 -12.79
C LYS A 537 -2.47 8.72 -13.72
N PRO A 538 -1.14 8.72 -13.91
CA PRO A 538 -0.62 7.68 -14.82
C PRO A 538 -0.84 6.26 -14.30
N HIS A 539 -0.82 6.06 -12.99
CA HIS A 539 -1.09 4.74 -12.41
C HIS A 539 -2.54 4.33 -12.67
N ILE A 540 -3.49 5.25 -12.43
CA ILE A 540 -4.90 4.96 -12.61
C ILE A 540 -5.24 4.63 -14.07
N ILE A 541 -4.63 5.34 -15.00
CA ILE A 541 -4.77 5.05 -16.43
C ILE A 541 -4.26 3.64 -16.80
N ASN A 542 -3.16 3.21 -16.19
CA ASN A 542 -2.55 1.95 -16.57
C ASN A 542 -3.23 0.74 -15.97
N LEU A 543 -3.91 0.93 -14.85
CA LEU A 543 -4.59 -0.15 -14.12
C LEU A 543 -6.08 -0.26 -14.46
N LEU A 544 -6.70 0.86 -14.82
CA LEU A 544 -8.16 0.96 -14.83
C LEU A 544 -8.73 1.57 -16.12
N VAL A 545 -7.86 2.04 -17.02
CA VAL A 545 -8.34 2.55 -18.29
C VAL A 545 -7.83 1.70 -19.46
N ASP A 546 -6.52 1.67 -19.66
CA ASP A 546 -5.90 0.95 -20.78
C ASP A 546 -5.66 -0.53 -20.48
N SER A 547 -6.20 -1.42 -21.31
CA SER A 547 -5.85 -2.84 -21.25
C SER A 547 -4.42 -3.11 -21.76
N ILE A 548 -3.82 -4.24 -21.36
CA ILE A 548 -2.54 -4.64 -21.94
C ILE A 548 -2.82 -5.21 -23.32
N LYS A 549 -2.08 -4.76 -24.32
CA LYS A 549 -2.40 -5.20 -25.69
C LYS A 549 -1.83 -6.60 -25.96
N ILE A 550 -2.68 -7.48 -26.44
CA ILE A 550 -2.30 -8.87 -26.60
C ILE A 550 -1.46 -9.08 -27.87
#